data_1FM9
#
_entry.id   1FM9
#
_cell.length_a   46.143
_cell.length_b   54.046
_cell.length_c   211.149
_cell.angle_alpha   90.00
_cell.angle_beta   90.00
_cell.angle_gamma   90.00
#
_symmetry.space_group_name_H-M   'P 21 21 21'
#
loop_
_entity.id
_entity.type
_entity.pdbx_description
1 polymer 'RETINOIC ACID RECEPTOR RXR-ALPHA'
2 polymer 'PEROXISOME PROLIFERATOR ACTIVATED RECEPTOR GAMMA'
3 polymer 'STEROID RECEPTOR COACTIVATOR'
4 non-polymer '(9cis)-retinoic acid'
5 non-polymer '2-(2-BENZOYL-PHENYLAMINO)-3-{4-[2-(5-METHYL-2-PHENYL-OXAZOL-4-YL)-ETHOXY]-PHENYL}-PROPIONIC ACID'
6 water water
#
loop_
_entity_poly.entity_id
_entity_poly.type
_entity_poly.pdbx_seq_one_letter_code
_entity_poly.pdbx_strand_id
1 'polypeptide(L)'
;SANEDMPVERILEAELAVEPKTETYVEANMGLNPSSPNDPVTNICQAADKQLFTLVEWAKRIPHFSELPLDDQVILLRAG
WNELLIASFSHRSIAVKDGILLATGLHVHRNSAHSAGVGAIFDRVLTELVSKMRDMQMDKTELGCLRAIVLFNPDSKGLS
NPAEVEALREKVYASLEAYCKHKYPEQPGRFAKLLLRLPALRSIGLKCLEHLFFFKLIGDTPIDTFLMEMLEAPHQMT
;
A
2 'polypeptide(L)'
;PESADLRALAKHLYDSYIKSFPLTKAKARAILTGKTTDKSPFVIYDMNSLMMGEDKIKFKHITPLQEQSKEVAIRIFQGC
QFRSVEAVQEITEYAKSIPGFVNLDLNDQVTLLKYGVHEIIYTMLASLMNKDGVLISEGQGFMTREFLKSLRKPFGDFME
PKFEFAVKFNALELDDSDLAIFIAVIILSGDRPGLLNVKPIEDIQDNLLQALELQLKLNHPESSQLFAKLLQKMTDLRQI
VTEHVQLLQVIKKTETDMSLHPLLQEIYKDLY
;
D
3 'polypeptide(L)' CPSSHSSLTERHKILHRLLQEGSPS B,E
#
loop_
_chem_comp.id
_chem_comp.type
_chem_comp.name
_chem_comp.formula
570 non-polymer '2-(2-BENZOYL-PHENYLAMINO)-3-{4-[2-(5-METHYL-2-PHENYL-OXAZOL-4-YL)-ETHOXY]-PHENYL}-PROPIONIC ACID' 'C34 H30 N2 O5'
9CR non-polymer '(9cis)-retinoic acid' 'C20 H28 O2'
#
# COMPACT_ATOMS: atom_id res chain seq x y z
N ASN A 3 21.86 -22.17 1.17
CA ASN A 3 21.61 -23.61 1.47
C ASN A 3 20.33 -24.11 0.78
N GLU A 4 19.19 -23.56 1.21
CA GLU A 4 17.89 -23.93 0.67
C GLU A 4 17.28 -22.74 -0.07
N ASP A 5 18.11 -22.03 -0.81
CA ASP A 5 17.67 -20.85 -1.55
C ASP A 5 17.59 -19.65 -0.64
N MET A 6 16.77 -19.74 0.41
CA MET A 6 16.63 -18.63 1.34
C MET A 6 16.62 -19.13 2.79
N PRO A 7 17.79 -19.60 3.27
CA PRO A 7 17.83 -20.09 4.66
C PRO A 7 17.44 -19.03 5.67
N VAL A 8 16.45 -19.37 6.49
CA VAL A 8 15.97 -18.48 7.52
C VAL A 8 17.05 -18.20 8.57
N GLU A 9 18.02 -19.10 8.71
CA GLU A 9 19.11 -18.94 9.69
C GLU A 9 20.04 -17.82 9.32
N ARG A 10 20.39 -17.72 8.05
CA ARG A 10 21.27 -16.66 7.62
C ARG A 10 20.57 -15.31 7.73
N ILE A 11 19.26 -15.31 7.46
CA ILE A 11 18.49 -14.07 7.57
C ILE A 11 18.57 -13.60 9.04
N LEU A 12 18.39 -14.53 9.97
CA LEU A 12 18.47 -14.20 11.40
C LEU A 12 19.87 -13.70 11.74
N GLU A 13 20.87 -14.36 11.17
CA GLU A 13 22.26 -13.99 11.43
C GLU A 13 22.55 -12.59 10.91
N ALA A 14 21.92 -12.21 9.81
CA ALA A 14 22.13 -10.87 9.26
C ALA A 14 21.58 -9.86 10.27
N GLU A 15 20.40 -10.14 10.82
CA GLU A 15 19.78 -9.26 11.82
C GLU A 15 20.69 -9.10 13.05
N LEU A 16 21.01 -10.23 13.67
CA LEU A 16 21.87 -10.26 14.86
C LEU A 16 23.22 -9.60 14.61
N ALA A 17 23.79 -9.89 13.45
CA ALA A 17 25.10 -9.35 13.10
C ALA A 17 25.20 -7.83 13.13
N VAL A 18 24.11 -7.13 12.81
CA VAL A 18 24.16 -5.67 12.78
C VAL A 18 23.25 -4.94 13.75
N GLU A 19 23.21 -5.37 15.01
CA GLU A 19 22.36 -4.68 15.98
C GLU A 19 22.88 -3.25 16.27
N PRO A 20 22.95 -2.78 17.54
CA PRO A 20 22.75 -3.00 18.97
C PRO A 20 23.08 -4.33 19.64
N LYS A 21 22.33 -4.65 20.69
CA LYS A 21 22.56 -5.89 21.42
C LYS A 21 23.64 -5.69 22.45
N THR A 22 23.44 -4.75 23.37
CA THR A 22 24.41 -4.48 24.40
C THR A 22 25.53 -3.59 23.89
N GLU A 23 26.07 -2.77 24.80
CA GLU A 23 27.14 -1.87 24.43
C GLU A 23 26.69 -0.67 23.62
N THR A 24 26.20 -0.92 22.41
CA THR A 24 25.74 0.16 21.56
C THR A 24 24.63 1.01 22.17
N TYR A 25 24.26 0.69 23.40
CA TYR A 25 23.21 1.43 24.09
C TYR A 25 23.73 2.21 25.28
N VAL A 26 24.74 3.05 25.04
CA VAL A 26 25.31 3.83 26.12
C VAL A 26 26.05 5.06 25.63
N GLU A 27 26.31 5.09 24.33
CA GLU A 27 27.02 6.22 23.75
C GLU A 27 26.41 7.58 24.06
N ALA A 28 25.08 7.63 24.08
CA ALA A 28 24.40 8.89 24.37
C ALA A 28 23.08 8.70 25.07
N ASN A 29 23.09 7.98 26.19
CA ASN A 29 21.86 7.74 26.93
C ASN A 29 22.09 7.70 28.44
N MET A 30 23.36 7.67 28.85
CA MET A 30 23.68 7.63 30.26
C MET A 30 25.08 8.12 30.57
N GLY A 31 25.86 8.45 29.55
CA GLY A 31 27.21 8.91 29.77
C GLY A 31 27.87 9.55 28.55
N LEU A 32 27.82 10.87 28.48
CA LEU A 32 28.41 11.59 27.36
C LEU A 32 27.44 11.78 26.21
N ASN A 33 27.95 11.70 24.99
CA ASN A 33 27.12 11.88 23.81
C ASN A 33 27.63 12.95 22.88
N PRO A 34 28.50 12.58 21.95
CA PRO A 34 29.05 13.54 21.02
C PRO A 34 27.97 14.35 20.32
N SER A 35 28.32 15.58 19.91
CA SER A 35 27.36 16.43 19.24
C SER A 35 26.69 17.42 20.18
N SER A 36 25.36 17.34 20.29
CA SER A 36 24.64 18.24 21.17
C SER A 36 23.49 18.94 20.46
N PRO A 37 22.93 18.28 19.46
CA PRO A 37 21.82 18.85 18.70
C PRO A 37 20.55 19.06 19.50
N ASN A 38 19.89 20.19 19.27
CA ASN A 38 18.65 20.49 19.97
C ASN A 38 17.44 20.35 19.08
N ASP A 39 17.08 19.11 18.76
CA ASP A 39 15.93 18.85 17.91
C ASP A 39 15.80 17.36 17.66
N PRO A 40 14.76 16.70 18.20
CA PRO A 40 14.51 15.27 18.03
C PRO A 40 14.64 14.77 16.59
N VAL A 41 14.28 15.62 15.63
CA VAL A 41 14.38 15.26 14.23
C VAL A 41 15.85 15.12 13.84
N THR A 42 16.71 15.86 14.52
CA THR A 42 18.14 15.81 14.26
C THR A 42 18.73 14.51 14.79
N ASN A 43 18.40 14.19 16.04
CA ASN A 43 18.89 12.98 16.68
C ASN A 43 18.44 11.75 15.89
N ILE A 44 17.27 11.87 15.27
CA ILE A 44 16.72 10.79 14.47
C ILE A 44 17.45 10.69 13.13
N CYS A 45 17.68 11.84 12.48
CA CYS A 45 18.38 11.86 11.20
C CYS A 45 19.81 11.36 11.32
N GLN A 46 20.43 11.60 12.47
CA GLN A 46 21.81 11.16 12.71
C GLN A 46 21.84 9.64 12.81
N ALA A 47 20.94 9.09 13.62
CA ALA A 47 20.85 7.65 13.78
C ALA A 47 20.61 7.01 12.41
N ALA A 48 19.64 7.55 11.66
CA ALA A 48 19.33 7.02 10.35
C ALA A 48 20.59 7.02 9.49
N ASP A 49 21.27 8.16 9.45
CA ASP A 49 22.48 8.27 8.66
C ASP A 49 23.49 7.18 9.04
N LYS A 50 23.65 6.98 10.34
CA LYS A 50 24.57 5.97 10.86
C LYS A 50 24.15 4.55 10.47
N GLN A 51 22.85 4.26 10.61
CA GLN A 51 22.33 2.93 10.28
C GLN A 51 22.38 2.63 8.80
N LEU A 52 22.47 3.67 7.99
CA LEU A 52 22.57 3.47 6.55
C LEU A 52 23.81 2.61 6.27
N PHE A 53 24.92 2.91 6.95
CA PHE A 53 26.16 2.16 6.78
C PHE A 53 25.96 0.70 7.17
N THR A 54 25.26 0.47 8.28
CA THR A 54 25.03 -0.89 8.74
C THR A 54 24.07 -1.65 7.85
N LEU A 55 23.15 -0.93 7.21
CA LEU A 55 22.17 -1.54 6.31
C LEU A 55 22.89 -2.20 5.15
N VAL A 56 23.94 -1.54 4.65
CA VAL A 56 24.72 -2.09 3.54
C VAL A 56 25.28 -3.46 3.97
N GLU A 57 25.82 -3.53 5.17
CA GLU A 57 26.38 -4.77 5.68
C GLU A 57 25.27 -5.81 5.88
N TRP A 58 24.14 -5.38 6.41
CA TRP A 58 23.00 -6.28 6.61
C TRP A 58 22.61 -6.94 5.29
N ALA A 59 22.42 -6.10 4.27
CA ALA A 59 22.01 -6.57 2.95
C ALA A 59 22.94 -7.63 2.36
N LYS A 60 24.24 -7.39 2.48
CA LYS A 60 25.23 -8.34 1.97
C LYS A 60 25.10 -9.71 2.62
N ARG A 61 24.50 -9.75 3.81
CA ARG A 61 24.32 -11.00 4.54
C ARG A 61 23.01 -11.72 4.21
N ILE A 62 22.17 -11.07 3.42
CA ILE A 62 20.91 -11.69 3.03
C ILE A 62 21.23 -12.57 1.83
N PRO A 63 20.95 -13.88 1.92
CA PRO A 63 21.26 -14.73 0.79
C PRO A 63 20.83 -14.24 -0.60
N HIS A 64 21.79 -14.31 -1.52
CA HIS A 64 21.65 -13.92 -2.92
C HIS A 64 21.64 -12.43 -3.25
N PHE A 65 21.61 -11.57 -2.24
CA PHE A 65 21.62 -10.12 -2.53
C PHE A 65 22.91 -9.75 -3.24
N SER A 66 24.03 -10.17 -2.66
CA SER A 66 25.34 -9.87 -3.21
C SER A 66 25.61 -10.54 -4.56
N GLU A 67 24.81 -11.53 -4.92
CA GLU A 67 25.00 -12.20 -6.20
C GLU A 67 24.26 -11.45 -7.32
N LEU A 68 23.49 -10.45 -6.94
CA LEU A 68 22.77 -9.64 -7.91
C LEU A 68 23.79 -8.68 -8.50
N PRO A 69 23.52 -8.15 -9.70
CA PRO A 69 24.47 -7.21 -10.30
C PRO A 69 24.61 -6.01 -9.36
N LEU A 70 25.84 -5.53 -9.22
CA LEU A 70 26.12 -4.41 -8.33
C LEU A 70 25.17 -3.21 -8.47
N ASP A 71 24.82 -2.85 -9.71
CA ASP A 71 23.92 -1.73 -9.94
C ASP A 71 22.49 -2.01 -9.44
N ASP A 72 22.11 -3.29 -9.44
CA ASP A 72 20.81 -3.68 -8.96
C ASP A 72 20.81 -3.53 -7.45
N GLN A 73 21.93 -3.93 -6.84
CA GLN A 73 22.07 -3.82 -5.39
C GLN A 73 21.86 -2.36 -4.99
N VAL A 74 22.51 -1.45 -5.73
CA VAL A 74 22.39 -0.01 -5.50
C VAL A 74 20.93 0.41 -5.59
N ILE A 75 20.26 0.01 -6.66
CA ILE A 75 18.86 0.35 -6.86
C ILE A 75 17.98 -0.14 -5.71
N LEU A 76 18.14 -1.40 -5.32
CA LEU A 76 17.33 -1.95 -4.24
C LEU A 76 17.49 -1.21 -2.92
N LEU A 77 18.72 -0.90 -2.55
CA LEU A 77 18.95 -0.19 -1.31
C LEU A 77 18.47 1.25 -1.34
N ARG A 78 18.52 1.89 -2.50
CA ARG A 78 18.05 3.27 -2.61
C ARG A 78 16.54 3.31 -2.51
N ALA A 79 15.90 2.26 -3.04
CA ALA A 79 14.46 2.17 -3.03
C ALA A 79 13.89 1.74 -1.70
N GLY A 80 14.62 0.91 -0.96
CA GLY A 80 14.07 0.45 0.31
C GLY A 80 14.67 0.90 1.62
N TRP A 81 15.70 1.74 1.60
CA TRP A 81 16.35 2.15 2.84
C TRP A 81 15.46 2.75 3.92
N ASN A 82 14.51 3.62 3.58
CA ASN A 82 13.67 4.21 4.62
C ASN A 82 12.79 3.17 5.29
N GLU A 83 12.15 2.32 4.50
CA GLU A 83 11.31 1.28 5.08
C GLU A 83 12.16 0.26 5.85
N LEU A 84 13.34 -0.08 5.32
CA LEU A 84 14.22 -1.03 5.99
C LEU A 84 14.63 -0.52 7.38
N LEU A 85 15.00 0.76 7.45
CA LEU A 85 15.42 1.37 8.71
C LEU A 85 14.24 1.59 9.69
N ILE A 86 13.08 1.98 9.17
CA ILE A 86 11.92 2.19 10.02
C ILE A 86 11.52 0.87 10.68
N ALA A 87 11.55 -0.21 9.90
CA ALA A 87 11.20 -1.53 10.42
C ALA A 87 12.15 -1.96 11.54
N SER A 88 13.42 -1.60 11.41
CA SER A 88 14.41 -1.96 12.42
C SER A 88 14.18 -1.23 13.73
N PHE A 89 14.17 0.10 13.69
CA PHE A 89 13.98 0.84 14.92
C PHE A 89 12.62 0.60 15.56
N SER A 90 11.62 0.30 14.74
CA SER A 90 10.29 0.04 15.26
C SER A 90 10.28 -1.25 16.06
N HIS A 91 10.88 -2.29 15.52
CA HIS A 91 10.93 -3.57 16.22
C HIS A 91 11.77 -3.43 17.48
N ARG A 92 12.89 -2.73 17.36
CA ARG A 92 13.79 -2.53 18.49
C ARG A 92 13.02 -1.80 19.60
N SER A 93 12.10 -0.92 19.20
CA SER A 93 11.32 -0.14 20.15
C SER A 93 10.25 -0.90 20.94
N ILE A 94 10.05 -2.17 20.62
CA ILE A 94 9.09 -3.00 21.32
C ILE A 94 9.43 -3.01 22.82
N ALA A 95 10.73 -2.87 23.11
CA ALA A 95 11.23 -2.88 24.49
C ALA A 95 10.78 -1.68 25.32
N VAL A 96 10.44 -0.59 24.64
CA VAL A 96 10.02 0.62 25.35
C VAL A 96 8.55 0.95 25.15
N LYS A 97 8.03 1.74 26.08
CA LYS A 97 6.64 2.18 26.04
C LYS A 97 6.67 3.63 25.51
N ASP A 98 5.62 4.01 24.77
CA ASP A 98 5.47 5.33 24.17
C ASP A 98 6.72 6.15 23.81
N GLY A 99 7.59 5.52 23.02
CA GLY A 99 8.81 6.16 22.58
C GLY A 99 9.54 5.28 21.59
N ILE A 100 10.67 5.76 21.09
CA ILE A 100 11.46 5.02 20.13
C ILE A 100 12.94 4.98 20.53
N LEU A 101 13.56 3.81 20.37
CA LEU A 101 14.97 3.62 20.70
C LEU A 101 15.83 3.69 19.46
N LEU A 102 16.66 4.71 19.35
CA LEU A 102 17.54 4.88 18.20
C LEU A 102 18.77 3.98 18.31
N ALA A 103 19.40 3.68 17.19
CA ALA A 103 20.58 2.83 17.19
C ALA A 103 21.73 3.51 17.94
N THR A 104 21.69 4.83 18.04
CA THR A 104 22.72 5.58 18.74
C THR A 104 22.53 5.44 20.25
N GLY A 105 21.57 4.61 20.65
CA GLY A 105 21.31 4.41 22.07
C GLY A 105 20.43 5.49 22.64
N LEU A 106 19.96 6.39 21.80
CA LEU A 106 19.12 7.50 22.24
C LEU A 106 17.63 7.13 22.26
N HIS A 107 16.96 7.51 23.34
CA HIS A 107 15.55 7.22 23.53
C HIS A 107 14.68 8.47 23.31
N VAL A 108 13.94 8.49 22.20
CA VAL A 108 13.07 9.63 21.88
C VAL A 108 11.64 9.38 22.35
N HIS A 109 11.20 10.19 23.32
CA HIS A 109 9.85 10.06 23.88
C HIS A 109 8.77 10.71 23.01
N ARG A 110 7.54 10.26 23.20
CA ARG A 110 6.39 10.76 22.46
C ARG A 110 6.22 12.28 22.44
N ASN A 111 6.13 12.87 23.62
CA ASN A 111 5.92 14.30 23.73
C ASN A 111 6.98 15.17 23.08
N SER A 112 8.22 14.68 23.01
CA SER A 112 9.28 15.45 22.38
C SER A 112 8.95 15.51 20.89
N ALA A 113 8.53 14.38 20.34
CA ALA A 113 8.16 14.30 18.93
C ALA A 113 6.98 15.22 18.68
N HIS A 114 6.03 15.22 19.60
CA HIS A 114 4.84 16.06 19.47
C HIS A 114 5.25 17.52 19.52
N SER A 115 6.21 17.85 20.37
CA SER A 115 6.69 19.21 20.50
C SER A 115 7.44 19.63 19.24
N ALA A 116 8.29 18.72 18.75
CA ALA A 116 9.07 19.00 17.55
C ALA A 116 8.18 19.17 16.32
N GLY A 117 6.90 18.86 16.47
CA GLY A 117 5.97 19.00 15.37
C GLY A 117 5.88 17.80 14.45
N VAL A 118 6.44 16.66 14.87
CA VAL A 118 6.41 15.46 14.04
C VAL A 118 5.58 14.36 14.71
N GLY A 119 4.65 14.78 15.56
CA GLY A 119 3.79 13.80 16.20
C GLY A 119 2.91 13.31 15.08
N ALA A 120 1.91 12.51 15.38
CA ALA A 120 1.03 12.01 14.32
C ALA A 120 1.80 10.98 13.52
N ILE A 121 2.85 11.42 12.82
CA ILE A 121 3.67 10.50 12.04
C ILE A 121 4.32 9.58 13.07
N PHE A 122 4.76 10.18 14.17
CA PHE A 122 5.40 9.45 15.26
C PHE A 122 4.38 8.51 15.89
N ASP A 123 3.14 8.97 16.02
CA ASP A 123 2.07 8.17 16.60
C ASP A 123 1.71 6.99 15.70
N ARG A 124 1.78 7.21 14.39
CA ARG A 124 1.47 6.15 13.43
C ARG A 124 2.51 5.04 13.56
N VAL A 125 3.77 5.44 13.75
CA VAL A 125 4.84 4.47 13.91
C VAL A 125 4.59 3.61 15.15
N LEU A 126 4.28 4.28 16.26
CA LEU A 126 4.01 3.60 17.54
C LEU A 126 2.83 2.64 17.51
N THR A 127 1.71 3.09 16.94
CA THR A 127 0.51 2.27 16.89
C THR A 127 0.48 1.28 15.73
N GLU A 128 0.74 1.77 14.52
CA GLU A 128 0.70 0.93 13.32
C GLU A 128 1.88 -0.04 13.17
N LEU A 129 3.03 0.26 13.78
CA LEU A 129 4.19 -0.63 13.66
C LEU A 129 4.65 -1.23 14.99
N VAL A 130 5.14 -0.39 15.90
CA VAL A 130 5.64 -0.86 17.18
C VAL A 130 4.62 -1.70 17.97
N SER A 131 3.46 -1.14 18.26
CA SER A 131 2.47 -1.89 19.04
C SER A 131 1.99 -3.16 18.28
N LYS A 132 1.94 -3.09 16.96
CA LYS A 132 1.56 -4.27 16.18
C LYS A 132 2.65 -5.34 16.33
N MET A 133 3.91 -4.94 16.23
CA MET A 133 5.01 -5.89 16.37
C MET A 133 5.00 -6.48 17.79
N ARG A 134 4.63 -5.67 18.77
CA ARG A 134 4.61 -6.14 20.15
C ARG A 134 3.47 -7.12 20.42
N ASP A 135 2.26 -6.78 19.97
CA ASP A 135 1.10 -7.64 20.20
C ASP A 135 1.26 -9.05 19.64
N MET A 136 1.86 -9.18 18.46
CA MET A 136 2.04 -10.50 17.89
C MET A 136 3.41 -11.05 18.25
N GLN A 137 4.19 -10.21 18.91
CA GLN A 137 5.54 -10.57 19.34
C GLN A 137 6.38 -11.14 18.20
N MET A 138 6.48 -10.43 17.08
CA MET A 138 7.29 -10.97 15.99
C MET A 138 8.75 -11.06 16.43
N ASP A 139 9.35 -12.22 16.20
CA ASP A 139 10.74 -12.42 16.57
C ASP A 139 11.66 -11.83 15.51
N LYS A 140 12.96 -11.91 15.73
CA LYS A 140 13.94 -11.32 14.81
C LYS A 140 14.07 -12.03 13.49
N THR A 141 13.69 -13.30 13.44
CA THR A 141 13.73 -14.09 12.22
C THR A 141 12.65 -13.54 11.30
N GLU A 142 11.48 -13.28 11.90
CA GLU A 142 10.33 -12.75 11.18
C GLU A 142 10.62 -11.34 10.68
N LEU A 143 11.17 -10.50 11.56
CA LEU A 143 11.52 -9.14 11.19
C LEU A 143 12.50 -9.23 10.00
N GLY A 144 13.49 -10.10 10.15
CA GLY A 144 14.49 -10.29 9.11
C GLY A 144 13.91 -10.64 7.74
N CYS A 145 13.00 -11.59 7.70
CA CYS A 145 12.36 -12.01 6.47
C CYS A 145 11.52 -10.89 5.85
N LEU A 146 10.73 -10.19 6.67
CA LEU A 146 9.92 -9.08 6.17
C LEU A 146 10.85 -8.02 5.58
N ARG A 147 11.97 -7.77 6.25
CA ARG A 147 12.92 -6.79 5.74
C ARG A 147 13.54 -7.30 4.44
N ALA A 148 13.75 -8.61 4.33
CA ALA A 148 14.31 -9.19 3.11
C ALA A 148 13.29 -9.04 1.99
N ILE A 149 12.02 -9.16 2.33
CA ILE A 149 10.95 -9.01 1.34
C ILE A 149 10.95 -7.54 0.88
N VAL A 150 11.12 -6.60 1.80
CA VAL A 150 11.14 -5.18 1.43
C VAL A 150 12.34 -4.92 0.54
N LEU A 151 13.48 -5.50 0.90
CA LEU A 151 14.71 -5.34 0.13
C LEU A 151 14.52 -5.78 -1.33
N PHE A 152 14.05 -7.01 -1.51
CA PHE A 152 13.84 -7.55 -2.84
C PHE A 152 12.58 -7.04 -3.55
N ASN A 153 12.54 -5.73 -3.79
CA ASN A 153 11.39 -5.10 -4.46
C ASN A 153 11.62 -5.07 -5.97
N PRO A 154 10.84 -5.86 -6.71
CA PRO A 154 10.95 -5.93 -8.17
C PRO A 154 10.49 -4.68 -8.90
N ASP A 155 9.71 -3.84 -8.24
CA ASP A 155 9.19 -2.64 -8.89
C ASP A 155 10.16 -1.47 -8.92
N SER A 156 11.32 -1.65 -8.30
CA SER A 156 12.32 -0.61 -8.28
C SER A 156 12.75 -0.31 -9.72
N LYS A 157 12.57 0.93 -10.14
CA LYS A 157 12.91 1.39 -11.49
C LYS A 157 14.40 1.17 -11.80
N GLY A 158 14.70 0.69 -13.00
CA GLY A 158 16.09 0.48 -13.38
C GLY A 158 16.70 -0.91 -13.29
N LEU A 159 16.08 -1.81 -12.52
CA LEU A 159 16.60 -3.16 -12.36
C LEU A 159 16.91 -3.84 -13.70
N SER A 160 18.02 -4.56 -13.74
CA SER A 160 18.43 -5.25 -14.96
C SER A 160 17.57 -6.50 -15.19
N ASN A 161 17.01 -7.03 -14.11
CA ASN A 161 16.17 -8.23 -14.23
C ASN A 161 15.16 -8.26 -13.09
N PRO A 162 14.05 -7.52 -13.24
CA PRO A 162 12.98 -7.44 -12.24
C PRO A 162 12.52 -8.82 -11.78
N ALA A 163 12.31 -9.72 -12.74
CA ALA A 163 11.84 -11.08 -12.46
C ALA A 163 12.75 -11.84 -11.50
N GLU A 164 14.05 -11.63 -11.60
CA GLU A 164 14.99 -12.30 -10.70
C GLU A 164 14.74 -11.82 -9.26
N VAL A 165 14.57 -10.53 -9.10
CA VAL A 165 14.30 -9.95 -7.80
C VAL A 165 12.96 -10.47 -7.25
N GLU A 166 11.95 -10.56 -8.10
CA GLU A 166 10.64 -11.07 -7.67
C GLU A 166 10.80 -12.51 -7.19
N ALA A 167 11.62 -13.28 -7.91
CA ALA A 167 11.88 -14.67 -7.57
C ALA A 167 12.53 -14.76 -6.20
N LEU A 168 13.44 -13.83 -5.90
CA LEU A 168 14.11 -13.84 -4.60
C LEU A 168 13.09 -13.51 -3.51
N ARG A 169 12.27 -12.49 -3.76
CA ARG A 169 11.25 -12.10 -2.81
C ARG A 169 10.34 -13.30 -2.54
N GLU A 170 10.02 -14.04 -3.60
CA GLU A 170 9.17 -15.21 -3.46
C GLU A 170 9.84 -16.32 -2.67
N LYS A 171 11.16 -16.41 -2.74
CA LYS A 171 11.87 -17.43 -1.99
C LYS A 171 11.75 -17.10 -0.50
N VAL A 172 11.75 -15.80 -0.18
CA VAL A 172 11.58 -15.38 1.20
C VAL A 172 10.17 -15.71 1.68
N TYR A 173 9.16 -15.51 0.82
CA TYR A 173 7.79 -15.84 1.23
C TYR A 173 7.73 -17.31 1.67
N ALA A 174 8.35 -18.19 0.88
CA ALA A 174 8.35 -19.64 1.16
C ALA A 174 9.09 -20.00 2.44
N SER A 175 10.26 -19.42 2.66
CA SER A 175 11.02 -19.70 3.87
C SER A 175 10.27 -19.19 5.11
N LEU A 176 9.66 -18.01 5.00
CA LEU A 176 8.95 -17.45 6.13
C LEU A 176 7.74 -18.32 6.48
N GLU A 177 6.94 -18.66 5.47
CA GLU A 177 5.76 -19.49 5.71
C GLU A 177 6.16 -20.82 6.36
N ALA A 178 7.22 -21.45 5.84
CA ALA A 178 7.70 -22.71 6.38
C ALA A 178 8.11 -22.53 7.84
N TYR A 179 8.85 -21.45 8.11
CA TYR A 179 9.31 -21.15 9.47
C TYR A 179 8.13 -20.91 10.41
N CYS A 180 7.10 -20.23 9.91
CA CYS A 180 5.94 -19.94 10.75
C CYS A 180 5.15 -21.18 11.13
N LYS A 181 4.94 -22.07 10.17
CA LYS A 181 4.19 -23.28 10.46
C LYS A 181 4.94 -24.22 11.39
N HIS A 182 6.27 -24.18 11.33
CA HIS A 182 7.07 -25.02 12.20
C HIS A 182 7.25 -24.44 13.60
N LYS A 183 7.40 -23.13 13.69
CA LYS A 183 7.59 -22.44 14.96
C LYS A 183 6.29 -21.99 15.61
N TYR A 184 5.26 -21.76 14.80
CA TYR A 184 3.99 -21.29 15.34
C TYR A 184 2.77 -22.06 14.85
N PRO A 185 2.79 -23.40 14.95
CA PRO A 185 1.64 -24.19 14.50
C PRO A 185 0.34 -23.89 15.24
N GLU A 186 0.42 -23.15 16.34
CA GLU A 186 -0.78 -22.81 17.11
C GLU A 186 -1.56 -21.70 16.43
N GLN A 187 -0.91 -20.96 15.54
CA GLN A 187 -1.56 -19.86 14.84
C GLN A 187 -1.39 -19.88 13.32
N PRO A 188 -2.31 -20.60 12.63
CA PRO A 188 -2.35 -20.78 11.18
C PRO A 188 -2.25 -19.48 10.36
N GLY A 189 -2.73 -18.38 10.93
CA GLY A 189 -2.71 -17.12 10.21
C GLY A 189 -1.58 -16.15 10.55
N ARG A 190 -0.51 -16.64 11.18
CA ARG A 190 0.59 -15.77 11.54
C ARG A 190 1.29 -15.27 10.28
N PHE A 191 1.44 -16.16 9.30
CA PHE A 191 2.10 -15.82 8.04
C PHE A 191 1.46 -14.58 7.45
N ALA A 192 0.13 -14.61 7.33
CA ALA A 192 -0.62 -13.50 6.78
C ALA A 192 -0.49 -12.24 7.66
N LYS A 193 -0.58 -12.41 8.98
CA LYS A 193 -0.48 -11.28 9.88
C LYS A 193 0.85 -10.57 9.68
N LEU A 194 1.91 -11.35 9.47
CA LEU A 194 3.24 -10.82 9.22
C LEU A 194 3.26 -10.01 7.91
N LEU A 195 2.87 -10.63 6.80
CA LEU A 195 2.85 -9.93 5.53
C LEU A 195 1.98 -8.68 5.57
N LEU A 196 0.97 -8.68 6.45
CA LEU A 196 0.09 -7.53 6.57
C LEU A 196 0.65 -6.40 7.44
N ARG A 197 1.92 -6.49 7.81
CA ARG A 197 2.58 -5.44 8.57
C ARG A 197 3.25 -4.52 7.53
N LEU A 198 3.35 -5.03 6.30
CA LEU A 198 4.00 -4.29 5.21
C LEU A 198 3.23 -3.08 4.67
N PRO A 199 1.89 -3.16 4.60
CA PRO A 199 1.19 -1.98 4.09
C PRO A 199 1.46 -0.75 4.97
N ALA A 200 1.32 -0.89 6.28
CA ALA A 200 1.57 0.24 7.16
C ALA A 200 3.01 0.74 7.00
N LEU A 201 3.96 -0.18 6.92
CA LEU A 201 5.36 0.20 6.76
C LEU A 201 5.53 1.07 5.51
N ARG A 202 4.87 0.68 4.43
CA ARG A 202 4.95 1.46 3.20
C ARG A 202 4.37 2.87 3.31
N SER A 203 3.15 2.99 3.82
CA SER A 203 2.57 4.33 3.91
C SER A 203 3.32 5.21 4.92
N ILE A 204 3.81 4.64 6.01
CA ILE A 204 4.58 5.43 6.97
C ILE A 204 5.93 5.81 6.32
N GLY A 205 6.51 4.87 5.58
CA GLY A 205 7.76 5.14 4.90
C GLY A 205 7.60 6.29 3.92
N LEU A 206 6.52 6.26 3.15
CA LEU A 206 6.24 7.31 2.18
C LEU A 206 6.03 8.65 2.88
N LYS A 207 5.26 8.63 3.96
CA LYS A 207 4.99 9.85 4.71
C LYS A 207 6.29 10.41 5.30
N CYS A 208 7.17 9.52 5.75
CA CYS A 208 8.45 9.92 6.32
C CYS A 208 9.32 10.58 5.25
N LEU A 209 9.33 10.03 4.05
CA LEU A 209 10.12 10.60 2.96
C LEU A 209 9.62 12.00 2.63
N GLU A 210 8.30 12.18 2.70
CA GLU A 210 7.71 13.48 2.42
C GLU A 210 8.27 14.49 3.41
N HIS A 211 8.43 14.08 4.66
CA HIS A 211 8.99 14.97 5.67
C HIS A 211 10.45 15.29 5.38
N LEU A 212 11.26 14.26 5.18
CA LEU A 212 12.68 14.49 4.89
C LEU A 212 12.84 15.48 3.76
N PHE A 213 12.01 15.35 2.73
CA PHE A 213 12.10 16.25 1.60
C PHE A 213 11.65 17.67 1.94
N PHE A 214 11.31 17.89 3.21
CA PHE A 214 10.89 19.19 3.70
C PHE A 214 11.94 19.71 4.66
N PHE A 215 12.67 18.78 5.29
CA PHE A 215 13.73 19.11 6.22
C PHE A 215 15.02 19.24 5.42
N LYS A 216 14.87 19.42 4.11
CA LYS A 216 15.99 19.57 3.20
C LYS A 216 15.80 20.85 2.39
N LEU A 217 14.62 20.97 1.78
CA LEU A 217 14.28 22.14 0.97
C LEU A 217 13.97 23.35 1.85
N ILE A 218 14.79 23.53 2.87
CA ILE A 218 14.67 24.64 3.82
C ILE A 218 15.96 24.68 4.62
N GLY A 219 16.67 23.54 4.57
CA GLY A 219 17.94 23.42 5.26
C GLY A 219 18.01 23.88 6.70
N ASP A 220 18.83 24.91 6.94
CA ASP A 220 19.04 25.47 8.27
C ASP A 220 19.70 24.36 9.08
N THR A 221 21.03 24.39 9.14
CA THR A 221 21.80 23.37 9.86
C THR A 221 21.50 22.01 9.21
N PRO A 222 22.15 21.74 8.07
CA PRO A 222 21.99 20.50 7.27
C PRO A 222 22.08 19.18 8.03
N ILE A 223 22.04 18.09 7.29
CA ILE A 223 22.10 16.75 7.88
C ILE A 223 23.46 16.09 7.62
N ASP A 224 23.45 14.76 7.57
CA ASP A 224 24.66 13.97 7.36
C ASP A 224 24.76 13.40 5.96
N THR A 225 25.99 13.24 5.50
CA THR A 225 26.27 12.70 4.18
C THR A 225 25.73 11.27 4.15
N PHE A 226 25.32 10.81 2.98
CA PHE A 226 24.76 9.47 2.80
C PHE A 226 23.26 9.56 2.97
N LEU A 227 22.79 9.97 4.15
CA LEU A 227 21.35 10.11 4.35
C LEU A 227 20.98 11.16 3.32
N MET A 228 21.86 12.15 3.17
CA MET A 228 21.65 13.22 2.21
C MET A 228 21.80 12.63 0.81
N GLU A 229 22.74 11.70 0.66
CA GLU A 229 22.96 11.06 -0.63
C GLU A 229 21.72 10.24 -1.00
N MET A 230 21.17 9.53 -0.02
CA MET A 230 19.98 8.72 -0.24
C MET A 230 18.80 9.61 -0.59
N LEU A 231 18.84 10.85 -0.09
CA LEU A 231 17.77 11.80 -0.32
C LEU A 231 17.78 12.51 -1.67
N GLU A 232 18.69 12.13 -2.56
CA GLU A 232 18.72 12.77 -3.86
C GLU A 232 17.62 12.22 -4.81
N ALA A 233 16.61 11.55 -4.23
CA ALA A 233 15.42 10.99 -4.95
C ALA A 233 15.63 9.81 -5.96
N PRO A 234 14.75 8.76 -5.92
CA PRO A 234 14.90 7.62 -6.85
C PRO A 234 14.56 7.89 -8.32
N PRO B 1 -11.46 -22.03 12.01
CA PRO B 1 -12.83 -22.32 11.50
C PRO B 1 -12.83 -23.56 10.61
N GLU B 2 -13.95 -24.28 10.59
CA GLU B 2 -14.09 -25.48 9.78
C GLU B 2 -14.24 -25.06 8.32
N SER B 3 -13.68 -25.86 7.42
CA SER B 3 -13.74 -25.55 5.99
C SER B 3 -15.13 -25.15 5.48
N ALA B 4 -16.17 -25.75 6.06
CA ALA B 4 -17.52 -25.43 5.64
C ALA B 4 -17.89 -23.98 5.94
N ASP B 5 -17.44 -23.49 7.09
CA ASP B 5 -17.73 -22.10 7.45
C ASP B 5 -16.99 -21.15 6.52
N LEU B 6 -15.76 -21.50 6.20
CA LEU B 6 -14.96 -20.66 5.31
C LEU B 6 -15.54 -20.67 3.90
N ARG B 7 -16.03 -21.82 3.46
CA ARG B 7 -16.62 -21.94 2.15
C ARG B 7 -17.96 -21.21 2.07
N ALA B 8 -18.64 -21.10 3.21
CA ALA B 8 -19.91 -20.40 3.25
C ALA B 8 -19.62 -18.89 3.17
N LEU B 9 -18.65 -18.45 3.95
CA LEU B 9 -18.27 -17.05 3.95
C LEU B 9 -17.95 -16.63 2.48
N ALA B 10 -17.09 -17.40 1.83
CA ALA B 10 -16.69 -17.11 0.46
C ALA B 10 -17.87 -17.04 -0.52
N LYS B 11 -18.84 -17.92 -0.36
CA LYS B 11 -20.00 -17.91 -1.25
C LYS B 11 -20.88 -16.72 -0.91
N HIS B 12 -20.98 -16.42 0.38
CA HIS B 12 -21.79 -15.29 0.83
C HIS B 12 -21.24 -13.95 0.32
N LEU B 13 -19.91 -13.84 0.30
CA LEU B 13 -19.28 -12.60 -0.16
C LEU B 13 -19.41 -12.52 -1.68
N TYR B 14 -19.30 -13.65 -2.34
CA TYR B 14 -19.44 -13.66 -3.78
C TYR B 14 -20.83 -13.16 -4.17
N ASP B 15 -21.86 -13.72 -3.55
CA ASP B 15 -23.24 -13.30 -3.86
C ASP B 15 -23.48 -11.80 -3.61
N SER B 16 -23.05 -11.28 -2.47
CA SER B 16 -23.27 -9.88 -2.18
C SER B 16 -22.43 -8.99 -3.10
N TYR B 17 -21.31 -9.53 -3.58
CA TYR B 17 -20.44 -8.80 -4.47
C TYR B 17 -21.14 -8.62 -5.83
N ILE B 18 -21.80 -9.69 -6.30
CA ILE B 18 -22.52 -9.63 -7.56
C ILE B 18 -23.68 -8.63 -7.43
N LYS B 19 -24.24 -8.54 -6.22
CA LYS B 19 -25.34 -7.61 -5.96
C LYS B 19 -24.90 -6.15 -5.81
N SER B 20 -23.65 -5.95 -5.40
CA SER B 20 -23.13 -4.60 -5.19
C SER B 20 -22.47 -3.95 -6.41
N PHE B 21 -21.87 -4.80 -7.25
CA PHE B 21 -21.17 -4.32 -8.42
C PHE B 21 -21.75 -4.80 -9.75
N PRO B 22 -22.27 -3.86 -10.55
CA PRO B 22 -22.86 -4.17 -11.86
C PRO B 22 -21.94 -4.83 -12.87
N LEU B 23 -20.75 -4.26 -13.06
CA LEU B 23 -19.80 -4.80 -14.01
C LEU B 23 -18.70 -5.60 -13.33
N THR B 24 -18.87 -6.92 -13.34
CA THR B 24 -17.93 -7.84 -12.72
C THR B 24 -16.69 -8.00 -13.62
N LYS B 25 -15.65 -8.64 -13.08
CA LYS B 25 -14.46 -8.87 -13.87
C LYS B 25 -14.77 -9.81 -15.05
N ALA B 26 -15.55 -10.86 -14.78
CA ALA B 26 -15.92 -11.82 -15.80
C ALA B 26 -16.53 -11.10 -17.01
N LYS B 27 -17.48 -10.21 -16.75
CA LYS B 27 -18.11 -9.46 -17.83
C LYS B 27 -17.12 -8.53 -18.49
N ALA B 28 -16.35 -7.81 -17.68
CA ALA B 28 -15.37 -6.86 -18.20
C ALA B 28 -14.38 -7.54 -19.17
N ARG B 29 -13.82 -8.67 -18.75
CA ARG B 29 -12.87 -9.38 -19.61
C ARG B 29 -13.58 -9.84 -20.89
N ALA B 30 -14.82 -10.29 -20.74
CA ALA B 30 -15.58 -10.75 -21.89
C ALA B 30 -15.70 -9.61 -22.90
N ILE B 31 -15.95 -8.39 -22.40
CA ILE B 31 -16.07 -7.24 -23.31
C ILE B 31 -14.72 -6.93 -23.91
N LEU B 32 -13.71 -6.81 -23.05
CA LEU B 32 -12.34 -6.49 -23.46
C LEU B 32 -11.80 -7.47 -24.52
N THR B 33 -12.15 -8.74 -24.39
CA THR B 33 -11.66 -9.77 -25.34
C THR B 33 -12.43 -9.86 -26.67
N GLY B 34 -13.69 -9.42 -26.66
CA GLY B 34 -14.51 -9.46 -27.86
C GLY B 34 -15.43 -10.67 -27.95
N LYS B 35 -15.98 -11.08 -26.81
CA LYS B 35 -16.82 -12.27 -26.82
C LYS B 35 -18.21 -12.21 -26.16
N THR B 36 -18.87 -11.09 -26.31
CA THR B 36 -20.21 -10.94 -25.78
C THR B 36 -20.86 -10.06 -26.85
N THR B 37 -21.76 -10.68 -27.60
CA THR B 37 -22.46 -10.01 -28.65
C THR B 37 -23.50 -9.16 -27.94
N ASP B 38 -23.45 -7.86 -28.16
CA ASP B 38 -24.36 -6.90 -27.53
C ASP B 38 -23.56 -5.59 -27.56
N LYS B 39 -23.65 -4.92 -28.71
CA LYS B 39 -22.89 -3.70 -29.04
C LYS B 39 -21.52 -3.68 -28.38
N SER B 40 -20.53 -3.15 -29.07
CA SER B 40 -19.19 -3.16 -28.49
C SER B 40 -18.76 -1.75 -28.04
N PRO B 41 -17.78 -1.65 -27.14
CA PRO B 41 -17.41 -0.29 -26.71
C PRO B 41 -16.87 0.73 -27.69
N PHE B 42 -17.34 1.97 -27.53
CA PHE B 42 -16.89 3.08 -28.36
C PHE B 42 -15.47 3.39 -27.91
N VAL B 43 -14.53 3.33 -28.86
CA VAL B 43 -13.13 3.60 -28.54
C VAL B 43 -12.78 5.08 -28.58
N ILE B 44 -12.26 5.58 -27.45
CA ILE B 44 -11.83 6.97 -27.35
C ILE B 44 -10.30 6.99 -27.34
N TYR B 45 -9.72 7.43 -28.45
CA TYR B 45 -8.27 7.48 -28.60
C TYR B 45 -7.73 8.89 -28.71
N ASP B 46 -8.63 9.86 -28.81
CA ASP B 46 -8.21 11.25 -28.91
C ASP B 46 -9.35 12.21 -28.58
N MET B 47 -9.07 13.51 -28.61
CA MET B 47 -10.06 14.52 -28.28
C MET B 47 -11.35 14.48 -29.10
N ASN B 48 -11.23 14.13 -30.37
CA ASN B 48 -12.40 14.07 -31.23
C ASN B 48 -13.26 12.86 -30.86
N SER B 49 -12.59 11.75 -30.57
CA SER B 49 -13.29 10.52 -30.21
C SER B 49 -13.90 10.63 -28.82
N LEU B 50 -13.31 11.43 -27.96
CA LEU B 50 -13.84 11.61 -26.61
C LEU B 50 -15.12 12.41 -26.70
N MET B 51 -15.17 13.34 -27.65
CA MET B 51 -16.34 14.18 -27.85
C MET B 51 -17.50 13.38 -28.45
N MET B 52 -17.19 12.51 -29.40
CA MET B 52 -18.22 11.69 -30.05
C MET B 52 -18.64 10.55 -29.13
N GLY B 53 -18.03 10.50 -27.95
CA GLY B 53 -18.37 9.47 -26.98
C GLY B 53 -19.27 10.08 -25.93
N GLU B 54 -19.04 11.35 -25.63
CA GLU B 54 -19.83 12.08 -24.63
C GLU B 54 -21.05 12.72 -25.29
N ASP B 55 -20.85 13.31 -26.48
CA ASP B 55 -21.95 13.93 -27.21
C ASP B 55 -22.91 12.82 -27.65
N LYS B 56 -22.42 11.59 -27.58
CA LYS B 56 -23.22 10.42 -27.94
C LYS B 56 -24.25 10.27 -26.82
N ILE B 57 -23.93 10.85 -25.67
CA ILE B 57 -24.82 10.81 -24.51
C ILE B 57 -25.75 12.02 -24.58
N LYS B 58 -25.34 13.04 -25.34
CA LYS B 58 -26.16 14.23 -25.51
C LYS B 58 -27.50 13.78 -26.09
N PHE B 59 -27.43 12.91 -27.08
CA PHE B 59 -28.62 12.37 -27.74
C PHE B 59 -29.36 11.42 -26.78
N LYS B 60 -28.64 10.92 -25.78
CA LYS B 60 -29.22 10.03 -24.79
C LYS B 60 -30.02 10.85 -23.78
N HIS B 61 -29.88 10.50 -22.50
CA HIS B 61 -30.57 11.20 -21.42
C HIS B 61 -29.52 12.00 -20.63
N ILE B 62 -29.66 13.32 -20.64
CA ILE B 62 -28.73 14.21 -19.95
C ILE B 62 -28.53 13.80 -18.49
N THR B 63 -27.49 13.00 -18.25
CA THR B 63 -27.15 12.53 -16.91
C THR B 63 -25.69 12.87 -16.58
N PRO B 64 -24.78 12.80 -17.57
CA PRO B 64 -23.37 13.11 -17.31
C PRO B 64 -23.19 14.55 -16.83
N LEU B 65 -22.95 14.70 -15.53
CA LEU B 65 -22.74 16.01 -14.94
C LEU B 65 -21.65 16.78 -15.68
N GLN B 66 -21.89 18.06 -15.90
CA GLN B 66 -20.93 18.92 -16.61
C GLN B 66 -20.71 18.44 -18.03
N GLU B 67 -20.52 19.38 -18.95
CA GLU B 67 -20.29 19.04 -20.34
C GLU B 67 -19.39 20.08 -21.01
N GLN B 68 -18.25 19.63 -21.53
CA GLN B 68 -17.29 20.50 -22.20
C GLN B 68 -17.08 21.81 -21.44
N SER B 69 -17.26 22.92 -22.15
CA SER B 69 -17.11 24.26 -21.56
C SER B 69 -15.66 24.59 -21.16
N LYS B 70 -14.91 23.58 -20.74
CA LYS B 70 -13.52 23.81 -20.34
C LYS B 70 -12.59 22.64 -20.65
N GLU B 71 -11.71 22.82 -21.62
CA GLU B 71 -10.73 21.81 -22.03
C GLU B 71 -11.10 20.33 -21.89
N VAL B 72 -10.24 19.49 -22.47
CA VAL B 72 -10.44 18.04 -22.47
C VAL B 72 -10.00 17.32 -21.19
N ALA B 73 -9.22 17.99 -20.37
CA ALA B 73 -8.77 17.35 -19.14
C ALA B 73 -9.84 17.36 -18.06
N ILE B 74 -10.61 18.46 -18.00
CA ILE B 74 -11.67 18.58 -17.01
C ILE B 74 -12.77 17.56 -17.27
N ARG B 75 -12.92 17.19 -18.54
CA ARG B 75 -13.93 16.21 -18.96
C ARG B 75 -13.61 14.85 -18.37
N ILE B 76 -12.33 14.46 -18.48
CA ILE B 76 -11.90 13.18 -17.92
C ILE B 76 -11.93 13.27 -16.40
N PHE B 77 -11.54 14.44 -15.89
CA PHE B 77 -11.51 14.65 -14.44
C PHE B 77 -12.91 14.50 -13.84
N GLN B 78 -13.96 14.88 -14.57
CA GLN B 78 -15.32 14.74 -14.03
C GLN B 78 -15.87 13.33 -14.22
N GLY B 79 -15.41 12.65 -15.27
CA GLY B 79 -15.86 11.29 -15.51
C GLY B 79 -15.34 10.35 -14.44
N CYS B 80 -14.07 10.50 -14.08
CA CYS B 80 -13.47 9.66 -13.05
C CYS B 80 -14.14 9.97 -11.70
N GLN B 81 -14.28 11.26 -11.40
CA GLN B 81 -14.90 11.72 -10.17
C GLN B 81 -16.29 11.14 -10.00
N PHE B 82 -17.08 11.19 -11.06
CA PHE B 82 -18.43 10.64 -11.01
C PHE B 82 -18.42 9.13 -10.74
N ARG B 83 -17.58 8.41 -11.48
CA ARG B 83 -17.50 6.97 -11.30
C ARG B 83 -17.04 6.66 -9.87
N SER B 84 -16.04 7.41 -9.41
CA SER B 84 -15.51 7.21 -8.07
C SER B 84 -16.62 7.34 -7.02
N VAL B 85 -17.33 8.46 -7.06
CA VAL B 85 -18.44 8.71 -6.13
C VAL B 85 -19.44 7.54 -6.15
N GLU B 86 -19.75 7.02 -7.34
CA GLU B 86 -20.68 5.88 -7.45
C GLU B 86 -20.03 4.65 -6.77
N ALA B 87 -18.75 4.43 -7.06
CA ALA B 87 -18.04 3.29 -6.48
C ALA B 87 -18.07 3.27 -4.95
N VAL B 88 -17.83 4.43 -4.34
CA VAL B 88 -17.84 4.49 -2.89
C VAL B 88 -19.19 4.01 -2.34
N GLN B 89 -20.26 4.36 -3.05
CA GLN B 89 -21.60 3.97 -2.61
C GLN B 89 -21.80 2.46 -2.75
N GLU B 90 -21.25 1.88 -3.82
CA GLU B 90 -21.37 0.44 -4.06
C GLU B 90 -20.52 -0.33 -3.06
N ILE B 91 -19.33 0.20 -2.79
CA ILE B 91 -18.41 -0.43 -1.84
C ILE B 91 -19.02 -0.37 -0.44
N THR B 92 -19.57 0.80 -0.10
CA THR B 92 -20.20 0.97 1.21
C THR B 92 -21.28 -0.09 1.42
N GLU B 93 -22.10 -0.31 0.40
CA GLU B 93 -23.18 -1.29 0.55
C GLU B 93 -22.58 -2.70 0.70
N TYR B 94 -21.60 -3.02 -0.11
CA TYR B 94 -20.97 -4.33 -0.04
C TYR B 94 -20.34 -4.56 1.37
N ALA B 95 -19.74 -3.52 1.95
CA ALA B 95 -19.12 -3.64 3.27
C ALA B 95 -20.14 -4.05 4.34
N LYS B 96 -21.35 -3.50 4.23
CA LYS B 96 -22.39 -3.81 5.19
C LYS B 96 -22.81 -5.27 5.12
N SER B 97 -22.49 -5.93 4.01
CA SER B 97 -22.82 -7.34 3.82
C SER B 97 -21.76 -8.29 4.42
N ILE B 98 -20.65 -7.73 4.91
CA ILE B 98 -19.60 -8.56 5.49
C ILE B 98 -20.02 -8.90 6.91
N PRO B 99 -20.14 -10.19 7.25
CA PRO B 99 -20.56 -10.54 8.62
C PRO B 99 -19.70 -9.89 9.72
N GLY B 100 -20.39 -9.23 10.65
CA GLY B 100 -19.73 -8.59 11.76
C GLY B 100 -19.51 -7.10 11.53
N PHE B 101 -19.49 -6.68 10.27
CA PHE B 101 -19.21 -5.29 9.97
C PHE B 101 -20.17 -4.23 10.56
N VAL B 102 -21.47 -4.39 10.33
CA VAL B 102 -22.44 -3.43 10.88
C VAL B 102 -22.52 -3.53 12.41
N ASN B 103 -21.93 -4.58 12.97
CA ASN B 103 -21.91 -4.76 14.42
C ASN B 103 -20.73 -3.99 15.04
N LEU B 104 -19.86 -3.41 14.21
CA LEU B 104 -18.71 -2.68 14.73
C LEU B 104 -19.10 -1.23 15.12
N ASP B 105 -18.32 -0.63 16.01
CA ASP B 105 -18.58 0.76 16.43
C ASP B 105 -18.75 1.58 15.14
N LEU B 106 -19.84 2.33 15.05
CA LEU B 106 -20.11 3.14 13.87
C LEU B 106 -18.86 3.90 13.40
N ASN B 107 -18.21 4.60 14.32
CA ASN B 107 -16.99 5.34 14.02
C ASN B 107 -15.93 4.47 13.29
N ASP B 108 -15.74 3.24 13.76
CA ASP B 108 -14.75 2.37 13.09
C ASP B 108 -15.26 1.99 11.69
N GLN B 109 -16.57 1.84 11.54
CA GLN B 109 -17.13 1.51 10.22
C GLN B 109 -16.77 2.62 9.22
N VAL B 110 -16.92 3.86 9.67
CA VAL B 110 -16.63 5.02 8.85
C VAL B 110 -15.14 5.08 8.51
N THR B 111 -14.31 4.79 9.49
CA THR B 111 -12.86 4.80 9.31
C THR B 111 -12.40 3.72 8.35
N LEU B 112 -12.96 2.52 8.48
CA LEU B 112 -12.57 1.43 7.59
C LEU B 112 -12.95 1.80 6.16
N LEU B 113 -14.11 2.42 5.99
CA LEU B 113 -14.53 2.83 4.64
C LEU B 113 -13.67 3.98 4.13
N LYS B 114 -13.38 4.91 5.03
CA LYS B 114 -12.58 6.07 4.65
C LYS B 114 -11.26 5.66 4.00
N TYR B 115 -10.55 4.79 4.70
CA TYR B 115 -9.25 4.30 4.25
C TYR B 115 -9.28 3.14 3.27
N GLY B 116 -10.37 2.37 3.25
CA GLY B 116 -10.41 1.23 2.35
C GLY B 116 -10.95 1.45 0.94
N VAL B 117 -11.80 2.45 0.79
CA VAL B 117 -12.44 2.75 -0.47
C VAL B 117 -11.55 2.92 -1.72
N HIS B 118 -10.53 3.77 -1.65
CA HIS B 118 -9.70 3.94 -2.83
C HIS B 118 -8.87 2.72 -3.15
N GLU B 119 -8.41 2.03 -2.10
CA GLU B 119 -7.64 0.80 -2.31
C GLU B 119 -8.52 -0.17 -3.10
N ILE B 120 -9.81 -0.22 -2.75
CA ILE B 120 -10.76 -1.11 -3.45
C ILE B 120 -11.09 -0.61 -4.88
N ILE B 121 -11.23 0.70 -5.03
CA ILE B 121 -11.53 1.24 -6.35
C ILE B 121 -10.41 0.88 -7.34
N TYR B 122 -9.16 0.97 -6.90
CA TYR B 122 -8.04 0.67 -7.77
C TYR B 122 -7.87 -0.83 -8.01
N THR B 123 -8.27 -1.64 -7.04
CA THR B 123 -8.19 -3.09 -7.18
C THR B 123 -9.20 -3.46 -8.29
N MET B 124 -10.40 -2.91 -8.18
CA MET B 124 -11.45 -3.20 -9.15
C MET B 124 -11.24 -2.52 -10.51
N LEU B 125 -10.61 -1.35 -10.50
CA LEU B 125 -10.34 -0.62 -11.73
C LEU B 125 -9.47 -1.51 -12.64
N ALA B 126 -8.62 -2.33 -12.00
CA ALA B 126 -7.76 -3.25 -12.72
C ALA B 126 -8.57 -4.27 -13.54
N SER B 127 -9.72 -4.69 -13.00
CA SER B 127 -10.56 -5.65 -13.70
C SER B 127 -11.02 -5.11 -15.06
N LEU B 128 -11.13 -3.79 -15.15
CA LEU B 128 -11.61 -3.17 -16.39
C LEU B 128 -10.48 -2.74 -17.33
N MET B 129 -9.24 -3.05 -16.96
CA MET B 129 -8.12 -2.66 -17.80
C MET B 129 -7.31 -3.80 -18.38
N ASN B 130 -6.63 -3.49 -19.47
CA ASN B 130 -5.69 -4.42 -20.09
C ASN B 130 -4.51 -3.53 -20.46
N LYS B 131 -3.54 -4.06 -21.17
CA LYS B 131 -2.36 -3.26 -21.52
C LYS B 131 -2.63 -2.00 -22.35
N ASP B 132 -3.66 -2.02 -23.19
CA ASP B 132 -3.94 -0.88 -24.06
C ASP B 132 -5.03 0.13 -23.65
N GLY B 133 -5.75 -0.16 -22.58
CA GLY B 133 -6.79 0.78 -22.16
C GLY B 133 -7.67 0.30 -21.02
N VAL B 134 -8.74 1.02 -20.79
CA VAL B 134 -9.65 0.74 -19.70
C VAL B 134 -11.11 0.97 -20.13
N LEU B 135 -12.01 0.15 -19.59
CA LEU B 135 -13.43 0.28 -19.89
C LEU B 135 -14.02 1.39 -19.04
N ILE B 136 -14.98 2.12 -19.60
CA ILE B 136 -15.63 3.22 -18.89
C ILE B 136 -17.13 3.18 -19.16
N SER B 137 -17.88 3.91 -18.35
CA SER B 137 -19.32 4.00 -18.50
C SER B 137 -19.98 2.62 -18.62
N GLU B 138 -19.91 1.84 -17.55
CA GLU B 138 -20.50 0.51 -17.53
C GLU B 138 -19.99 -0.36 -18.68
N GLY B 139 -18.85 0.00 -19.25
CA GLY B 139 -18.31 -0.79 -20.34
C GLY B 139 -18.77 -0.38 -21.73
N GLN B 140 -19.47 0.74 -21.83
CA GLN B 140 -19.95 1.21 -23.12
C GLN B 140 -18.80 1.86 -23.90
N GLY B 141 -17.78 2.28 -23.16
CA GLY B 141 -16.63 2.90 -23.79
C GLY B 141 -15.33 2.26 -23.37
N PHE B 142 -14.29 2.50 -24.16
CA PHE B 142 -12.95 1.99 -23.89
C PHE B 142 -12.00 3.14 -24.21
N MET B 143 -11.34 3.63 -23.18
CA MET B 143 -10.40 4.73 -23.31
C MET B 143 -8.98 4.15 -23.34
N THR B 144 -8.22 4.50 -24.37
CA THR B 144 -6.86 4.00 -24.54
C THR B 144 -5.86 4.58 -23.54
N ARG B 145 -4.91 3.73 -23.16
CA ARG B 145 -3.86 4.09 -22.22
C ARG B 145 -2.98 5.22 -22.78
N GLU B 146 -2.61 5.10 -24.05
CA GLU B 146 -1.77 6.11 -24.70
C GLU B 146 -2.43 7.48 -24.57
N PHE B 147 -3.67 7.56 -25.02
CA PHE B 147 -4.45 8.80 -24.96
C PHE B 147 -4.43 9.43 -23.58
N LEU B 148 -4.73 8.64 -22.55
CA LEU B 148 -4.74 9.17 -21.20
C LEU B 148 -3.35 9.70 -20.82
N LYS B 149 -2.31 8.99 -21.25
CA LYS B 149 -0.93 9.37 -20.96
C LYS B 149 -0.57 10.69 -21.68
N SER B 150 -1.34 11.03 -22.72
CA SER B 150 -1.07 12.24 -23.51
C SER B 150 -1.82 13.50 -23.06
N LEU B 151 -2.52 13.42 -21.93
CA LEU B 151 -3.25 14.59 -21.42
C LEU B 151 -2.20 15.65 -21.05
N ARG B 152 -2.63 16.87 -20.78
CA ARG B 152 -1.69 17.93 -20.45
C ARG B 152 -1.08 17.87 -19.04
N LYS B 153 -0.27 18.88 -18.73
CA LYS B 153 0.44 19.01 -17.45
C LYS B 153 0.37 17.82 -16.48
N PRO B 154 -0.20 17.96 -15.26
CA PRO B 154 -0.17 16.73 -14.47
C PRO B 154 -1.31 15.73 -14.73
N PHE B 155 -2.31 16.15 -15.50
CA PHE B 155 -3.42 15.26 -15.82
C PHE B 155 -2.94 14.01 -16.54
N GLY B 156 -1.97 14.20 -17.42
CA GLY B 156 -1.40 13.11 -18.21
C GLY B 156 -0.73 11.94 -17.50
N ASP B 157 -0.42 12.05 -16.20
CA ASP B 157 0.19 10.89 -15.52
C ASP B 157 -0.59 10.32 -14.32
N PHE B 158 -1.91 10.51 -14.33
CA PHE B 158 -2.76 9.99 -13.24
C PHE B 158 -3.06 8.49 -13.38
N MET B 159 -3.37 8.09 -14.61
CA MET B 159 -3.73 6.71 -14.89
C MET B 159 -2.57 5.73 -15.06
N GLU B 160 -1.46 6.22 -15.62
CA GLU B 160 -0.30 5.37 -15.88
C GLU B 160 0.10 4.49 -14.70
N PRO B 161 0.10 5.04 -13.47
CA PRO B 161 0.46 4.23 -12.30
C PRO B 161 -0.57 3.11 -12.10
N LYS B 162 -1.83 3.44 -12.37
CA LYS B 162 -2.90 2.48 -12.22
C LYS B 162 -2.84 1.36 -13.25
N PHE B 163 -2.37 1.65 -14.47
CA PHE B 163 -2.23 0.60 -15.48
C PHE B 163 -1.07 -0.31 -15.09
N GLU B 164 0.05 0.27 -14.66
CA GLU B 164 1.22 -0.51 -14.27
C GLU B 164 0.81 -1.50 -13.18
N PHE B 165 0.02 -1.00 -12.22
CA PHE B 165 -0.46 -1.82 -11.13
C PHE B 165 -1.40 -2.88 -11.69
N ALA B 166 -2.35 -2.43 -12.51
CA ALA B 166 -3.32 -3.34 -13.12
C ALA B 166 -2.63 -4.51 -13.84
N VAL B 167 -1.65 -4.19 -14.69
CA VAL B 167 -0.95 -5.23 -15.43
C VAL B 167 -0.36 -6.26 -14.46
N LYS B 168 0.34 -5.80 -13.42
CA LYS B 168 0.90 -6.74 -12.46
C LYS B 168 -0.18 -7.49 -11.67
N PHE B 169 -1.28 -6.80 -11.34
CA PHE B 169 -2.35 -7.43 -10.58
C PHE B 169 -3.11 -8.47 -11.42
N ASN B 170 -3.39 -8.11 -12.68
CA ASN B 170 -4.11 -9.01 -13.56
C ASN B 170 -3.31 -10.27 -13.91
N ALA B 171 -1.99 -10.21 -13.75
CA ALA B 171 -1.17 -11.37 -14.05
C ALA B 171 -1.40 -12.49 -13.03
N LEU B 172 -2.08 -12.15 -11.93
CA LEU B 172 -2.38 -13.16 -10.91
C LEU B 172 -3.63 -13.96 -11.33
N GLU B 173 -4.26 -13.52 -12.41
CA GLU B 173 -5.46 -14.19 -12.93
C GLU B 173 -6.57 -14.44 -11.91
N LEU B 174 -6.81 -13.48 -11.03
CA LEU B 174 -7.87 -13.66 -10.04
C LEU B 174 -9.26 -13.53 -10.71
N ASP B 175 -10.26 -14.25 -10.20
CA ASP B 175 -11.60 -14.08 -10.76
C ASP B 175 -12.49 -13.45 -9.69
N ASP B 176 -13.71 -13.09 -10.08
CA ASP B 176 -14.63 -12.42 -9.16
C ASP B 176 -14.84 -13.07 -7.80
N SER B 177 -14.83 -14.40 -7.75
CA SER B 177 -15.02 -15.05 -6.47
C SER B 177 -13.77 -14.86 -5.61
N ASP B 178 -12.59 -14.84 -6.23
CA ASP B 178 -11.37 -14.61 -5.44
C ASP B 178 -11.40 -13.15 -4.97
N LEU B 179 -11.77 -12.24 -5.88
CA LEU B 179 -11.77 -10.81 -5.56
C LEU B 179 -12.75 -10.41 -4.45
N ALA B 180 -13.92 -11.03 -4.43
CA ALA B 180 -14.92 -10.72 -3.41
C ALA B 180 -14.32 -10.87 -2.01
N ILE B 181 -13.51 -11.89 -1.81
CA ILE B 181 -12.91 -12.08 -0.48
C ILE B 181 -11.78 -11.10 -0.24
N PHE B 182 -10.90 -10.98 -1.24
CA PHE B 182 -9.78 -10.06 -1.14
C PHE B 182 -10.23 -8.66 -0.76
N ILE B 183 -11.30 -8.18 -1.38
CA ILE B 183 -11.83 -6.85 -1.08
C ILE B 183 -12.30 -6.75 0.36
N ALA B 184 -12.96 -7.80 0.84
CA ALA B 184 -13.44 -7.80 2.22
C ALA B 184 -12.24 -7.77 3.17
N VAL B 185 -11.15 -8.40 2.76
CA VAL B 185 -9.93 -8.43 3.56
C VAL B 185 -9.33 -7.03 3.63
N ILE B 186 -9.45 -6.28 2.54
CA ILE B 186 -8.91 -4.91 2.53
C ILE B 186 -9.71 -4.02 3.48
N ILE B 187 -11.03 -4.15 3.43
CA ILE B 187 -11.92 -3.35 4.26
C ILE B 187 -11.67 -3.54 5.75
N LEU B 188 -11.59 -4.80 6.17
CA LEU B 188 -11.36 -5.13 7.56
C LEU B 188 -9.88 -5.05 7.96
N SER B 189 -9.25 -3.91 7.68
CA SER B 189 -7.84 -3.71 8.03
C SER B 189 -7.72 -3.04 9.40
N GLY B 190 -7.20 -3.78 10.36
CA GLY B 190 -7.07 -3.27 11.72
C GLY B 190 -5.93 -2.30 11.97
N ASP B 191 -5.31 -1.83 10.89
CA ASP B 191 -4.20 -0.89 11.04
C ASP B 191 -4.53 0.51 10.51
N ARG B 192 -5.82 0.82 10.39
CA ARG B 192 -6.22 2.15 9.93
C ARG B 192 -6.08 3.19 11.03
N PRO B 193 -5.52 4.36 10.71
CA PRO B 193 -5.37 5.40 11.73
C PRO B 193 -6.72 5.78 12.33
N GLY B 194 -6.76 5.99 13.64
CA GLY B 194 -7.99 6.40 14.29
C GLY B 194 -8.98 5.33 14.71
N LEU B 195 -8.65 4.07 14.49
CA LEU B 195 -9.55 2.98 14.88
C LEU B 195 -9.71 2.93 16.41
N LEU B 196 -10.94 2.76 16.87
CA LEU B 196 -11.24 2.71 18.31
C LEU B 196 -11.12 1.30 18.93
N ASN B 197 -11.66 0.29 18.25
CA ASN B 197 -11.56 -1.09 18.78
C ASN B 197 -10.99 -2.01 17.69
N VAL B 198 -9.67 -2.21 17.77
CA VAL B 198 -8.91 -3.02 16.84
C VAL B 198 -9.15 -4.53 16.81
N LYS B 199 -9.28 -5.14 17.99
CA LYS B 199 -9.46 -6.60 18.07
C LYS B 199 -10.61 -7.19 17.24
N PRO B 200 -11.81 -6.61 17.36
CA PRO B 200 -12.96 -7.12 16.61
C PRO B 200 -12.64 -7.16 15.10
N ILE B 201 -12.11 -6.04 14.60
CA ILE B 201 -11.76 -5.92 13.19
C ILE B 201 -10.72 -6.96 12.74
N GLU B 202 -9.69 -7.15 13.57
CA GLU B 202 -8.64 -8.13 13.26
C GLU B 202 -9.16 -9.56 13.34
N ASP B 203 -10.10 -9.81 14.26
CA ASP B 203 -10.66 -11.17 14.39
C ASP B 203 -11.43 -11.51 13.12
N ILE B 204 -12.26 -10.58 12.65
CA ILE B 204 -13.03 -10.82 11.42
C ILE B 204 -12.08 -11.01 10.23
N GLN B 205 -11.09 -10.12 10.13
CA GLN B 205 -10.12 -10.18 9.03
C GLN B 205 -9.38 -11.53 9.04
N ASP B 206 -9.14 -12.07 10.22
CA ASP B 206 -8.46 -13.36 10.30
C ASP B 206 -9.33 -14.45 9.67
N ASN B 207 -10.65 -14.38 9.88
CA ASN B 207 -11.54 -15.39 9.28
C ASN B 207 -11.54 -15.21 7.76
N LEU B 208 -11.57 -13.96 7.32
CA LEU B 208 -11.57 -13.64 5.88
C LEU B 208 -10.30 -14.11 5.19
N LEU B 209 -9.17 -13.99 5.89
CA LEU B 209 -7.88 -14.43 5.33
C LEU B 209 -7.85 -15.95 5.18
N GLN B 210 -8.37 -16.67 6.18
CA GLN B 210 -8.41 -18.14 6.12
C GLN B 210 -9.32 -18.53 4.95
N ALA B 211 -10.42 -17.80 4.78
CA ALA B 211 -11.36 -18.07 3.71
C ALA B 211 -10.72 -17.77 2.35
N LEU B 212 -9.93 -16.70 2.28
CA LEU B 212 -9.26 -16.36 1.03
C LEU B 212 -8.15 -17.36 0.72
N GLU B 213 -7.48 -17.81 1.77
CA GLU B 213 -6.41 -18.78 1.64
C GLU B 213 -7.01 -20.07 1.02
N LEU B 214 -8.10 -20.56 1.61
CA LEU B 214 -8.72 -21.79 1.08
C LEU B 214 -9.25 -21.57 -0.35
N GLN B 215 -9.83 -20.40 -0.61
CA GLN B 215 -10.37 -20.11 -1.94
C GLN B 215 -9.28 -20.21 -3.01
N LEU B 216 -8.13 -19.58 -2.76
CA LEU B 216 -7.05 -19.61 -3.73
C LEU B 216 -6.46 -21.02 -3.93
N LYS B 217 -6.34 -21.80 -2.85
CA LYS B 217 -5.82 -23.17 -2.97
C LYS B 217 -6.79 -23.99 -3.84
N LEU B 218 -8.09 -23.83 -3.60
CA LEU B 218 -9.11 -24.57 -4.37
C LEU B 218 -9.28 -24.05 -5.80
N ASN B 219 -9.34 -22.74 -5.97
CA ASN B 219 -9.55 -22.15 -7.30
C ASN B 219 -8.31 -22.06 -8.19
N HIS B 220 -7.15 -21.99 -7.57
CA HIS B 220 -5.90 -21.90 -8.33
C HIS B 220 -4.88 -22.90 -7.79
N PRO B 221 -5.10 -24.21 -8.00
CA PRO B 221 -4.20 -25.28 -7.53
C PRO B 221 -2.76 -25.32 -8.01
N GLU B 222 -2.48 -24.80 -9.21
CA GLU B 222 -1.12 -24.83 -9.76
C GLU B 222 -0.29 -23.56 -9.51
N SER B 223 -0.96 -22.48 -9.15
CA SER B 223 -0.26 -21.21 -8.91
C SER B 223 0.38 -21.16 -7.52
N SER B 224 1.70 -21.15 -7.48
CA SER B 224 2.42 -21.13 -6.22
C SER B 224 2.49 -19.75 -5.55
N GLN B 225 2.50 -19.77 -4.22
CA GLN B 225 2.59 -18.54 -3.44
C GLN B 225 1.59 -17.45 -3.87
N LEU B 226 0.42 -17.84 -4.36
CA LEU B 226 -0.55 -16.84 -4.81
C LEU B 226 -1.09 -16.00 -3.64
N PHE B 227 -1.35 -16.64 -2.50
CA PHE B 227 -1.86 -15.93 -1.34
C PHE B 227 -0.84 -14.85 -0.95
N ALA B 228 0.42 -15.22 -0.83
CA ALA B 228 1.48 -14.27 -0.48
C ALA B 228 1.60 -13.14 -1.53
N LYS B 229 1.62 -13.50 -2.81
CA LYS B 229 1.71 -12.51 -3.89
C LYS B 229 0.50 -11.55 -3.87
N LEU B 230 -0.66 -12.04 -3.43
CA LEU B 230 -1.86 -11.21 -3.38
C LEU B 230 -1.81 -10.23 -2.21
N LEU B 231 -1.46 -10.73 -1.02
CA LEU B 231 -1.39 -9.85 0.15
C LEU B 231 -0.36 -8.74 -0.09
N GLN B 232 0.71 -9.06 -0.82
CA GLN B 232 1.75 -8.07 -1.13
C GLN B 232 1.15 -6.87 -1.86
N LYS B 233 0.14 -7.13 -2.70
CA LYS B 233 -0.51 -6.05 -3.45
C LYS B 233 -1.20 -5.03 -2.54
N MET B 234 -1.51 -5.43 -1.30
CA MET B 234 -2.15 -4.49 -0.39
C MET B 234 -1.19 -3.37 0.00
N THR B 235 0.11 -3.68 -0.02
CA THR B 235 1.11 -2.67 0.30
C THR B 235 1.33 -1.82 -0.95
N ASP B 236 1.24 -2.46 -2.13
CA ASP B 236 1.36 -1.72 -3.38
C ASP B 236 0.24 -0.68 -3.43
N LEU B 237 -0.97 -1.11 -3.08
CA LEU B 237 -2.14 -0.22 -3.08
C LEU B 237 -1.95 1.05 -2.23
N ARG B 238 -1.31 0.93 -1.07
CA ARG B 238 -1.09 2.11 -0.23
C ARG B 238 -0.31 3.17 -1.02
N GLN B 239 0.69 2.73 -1.79
CA GLN B 239 1.52 3.63 -2.59
C GLN B 239 0.73 4.27 -3.77
N ILE B 240 -0.17 3.51 -4.40
CA ILE B 240 -0.95 4.06 -5.49
C ILE B 240 -1.90 5.14 -4.97
N VAL B 241 -2.44 4.89 -3.78
CA VAL B 241 -3.34 5.83 -3.15
C VAL B 241 -2.63 7.13 -2.76
N THR B 242 -1.52 7.03 -2.02
CA THR B 242 -0.80 8.24 -1.59
C THR B 242 -0.30 9.04 -2.79
N GLU B 243 0.26 8.33 -3.78
CA GLU B 243 0.77 8.96 -5.00
C GLU B 243 -0.38 9.68 -5.74
N HIS B 244 -1.57 9.10 -5.72
CA HIS B 244 -2.72 9.70 -6.39
C HIS B 244 -3.16 10.96 -5.61
N VAL B 245 -3.09 10.87 -4.29
CA VAL B 245 -3.45 11.97 -3.43
C VAL B 245 -2.52 13.16 -3.73
N GLN B 246 -1.22 12.86 -3.79
CA GLN B 246 -0.21 13.90 -4.06
C GLN B 246 -0.49 14.52 -5.43
N LEU B 247 -1.00 13.72 -6.37
CA LEU B 247 -1.28 14.26 -7.69
C LEU B 247 -2.53 15.12 -7.68
N LEU B 248 -3.49 14.78 -6.82
CA LEU B 248 -4.70 15.59 -6.71
C LEU B 248 -4.29 16.93 -6.08
N GLN B 249 -3.30 16.89 -5.19
CA GLN B 249 -2.82 18.10 -4.53
C GLN B 249 -2.17 19.07 -5.53
N VAL B 250 -1.48 18.52 -6.54
CA VAL B 250 -0.84 19.34 -7.56
C VAL B 250 -1.93 20.09 -8.32
N ILE B 251 -3.03 19.40 -8.60
CA ILE B 251 -4.13 20.02 -9.33
C ILE B 251 -4.70 21.17 -8.49
N LYS B 252 -4.88 20.90 -7.21
CA LYS B 252 -5.42 21.88 -6.26
C LYS B 252 -4.58 23.17 -6.28
N LYS B 253 -3.26 23.01 -6.27
CA LYS B 253 -2.35 24.16 -6.28
C LYS B 253 -2.32 24.82 -7.66
N THR B 254 -2.26 24.01 -8.71
CA THR B 254 -2.16 24.56 -10.05
C THR B 254 -3.44 24.97 -10.78
N GLU B 255 -4.58 24.89 -10.10
CA GLU B 255 -5.84 25.33 -10.72
C GLU B 255 -6.84 25.75 -9.66
N THR B 256 -7.13 27.04 -9.69
CA THR B 256 -8.04 27.67 -8.78
C THR B 256 -9.42 27.03 -8.72
N ASP B 257 -9.93 26.63 -9.87
CA ASP B 257 -11.25 25.98 -9.88
C ASP B 257 -11.12 24.47 -9.85
N MET B 258 -10.55 23.96 -8.74
CA MET B 258 -10.38 22.54 -8.54
C MET B 258 -11.78 21.93 -8.46
N SER B 259 -12.51 22.25 -7.39
CA SER B 259 -13.87 21.77 -7.17
C SER B 259 -14.00 20.24 -7.16
N LEU B 260 -13.77 19.63 -6.01
CA LEU B 260 -13.87 18.18 -5.87
C LEU B 260 -15.19 17.86 -5.16
N HIS B 261 -15.92 16.88 -5.67
CA HIS B 261 -17.19 16.48 -5.08
C HIS B 261 -17.06 16.34 -3.54
N PRO B 262 -18.09 16.78 -2.79
CA PRO B 262 -18.05 16.70 -1.32
C PRO B 262 -17.68 15.36 -0.68
N LEU B 263 -18.24 14.26 -1.16
CA LEU B 263 -17.92 12.95 -0.59
C LEU B 263 -16.41 12.66 -0.71
N LEU B 264 -15.82 13.01 -1.85
CA LEU B 264 -14.40 12.77 -2.02
C LEU B 264 -13.60 13.73 -1.15
N GLN B 265 -14.13 14.92 -0.90
CA GLN B 265 -13.43 15.88 -0.05
C GLN B 265 -13.46 15.30 1.36
N GLU B 266 -14.63 14.78 1.73
CA GLU B 266 -14.84 14.18 3.03
C GLU B 266 -13.83 13.05 3.27
N ILE B 267 -13.68 12.19 2.26
CA ILE B 267 -12.76 11.07 2.41
C ILE B 267 -11.30 11.51 2.48
N TYR B 268 -10.90 12.41 1.59
CA TYR B 268 -9.52 12.87 1.60
C TYR B 268 -9.10 13.78 2.75
N LYS B 269 -10.07 14.38 3.43
CA LYS B 269 -9.72 15.25 4.54
C LYS B 269 -9.07 14.46 5.66
N ASP B 270 -7.80 14.75 5.91
CA ASP B 270 -7.03 14.07 6.95
C ASP B 270 -6.90 12.57 6.72
N LEU B 271 -6.49 12.19 5.52
CA LEU B 271 -6.31 10.79 5.17
C LEU B 271 -4.83 10.38 5.30
N TYR B 272 -4.25 9.79 4.26
CA TYR B 272 -2.84 9.37 4.28
C TYR B 272 -2.25 9.31 2.88
N HIS C 12 26.10 7.73 -6.85
CA HIS C 12 25.94 7.43 -5.40
C HIS C 12 27.29 6.98 -4.85
N LYS C 13 28.20 7.93 -4.69
CA LYS C 13 29.53 7.67 -4.20
C LYS C 13 29.57 6.70 -3.02
N ILE C 14 29.07 7.16 -1.87
CA ILE C 14 29.07 6.34 -0.65
C ILE C 14 28.46 4.95 -0.82
N LEU C 15 27.21 4.90 -1.26
CA LEU C 15 26.53 3.62 -1.42
C LEU C 15 27.24 2.69 -2.40
N HIS C 16 27.64 3.24 -3.54
CA HIS C 16 28.32 2.45 -4.56
C HIS C 16 29.66 1.96 -4.05
N ARG C 17 30.37 2.84 -3.34
CA ARG C 17 31.68 2.50 -2.80
C ARG C 17 31.58 1.43 -1.71
N LEU C 18 30.64 1.60 -0.79
CA LEU C 18 30.46 0.65 0.31
C LEU C 18 30.07 -0.74 -0.21
N LEU C 19 29.31 -0.78 -1.29
CA LEU C 19 28.85 -2.04 -1.85
C LEU C 19 29.90 -2.86 -2.61
N GLN C 20 30.92 -2.20 -3.15
CA GLN C 20 31.94 -2.90 -3.94
C GLN C 20 33.19 -3.49 -3.25
N GLU C 21 33.18 -3.70 -1.91
CA GLU C 21 34.34 -4.21 -1.15
C GLU C 21 34.22 -5.59 -0.46
N GLU D 10 -14.02 16.21 11.78
CA GLU D 10 -14.14 15.18 10.71
C GLU D 10 -15.59 14.99 10.27
N ARG D 11 -16.43 14.50 11.19
CA ARG D 11 -17.84 14.27 10.91
C ARG D 11 -18.11 13.16 9.91
N HIS D 12 -17.71 13.37 8.66
CA HIS D 12 -17.95 12.39 7.59
C HIS D 12 -19.46 12.20 7.44
N LYS D 13 -20.16 13.33 7.23
CA LYS D 13 -21.60 13.34 7.08
C LYS D 13 -22.18 12.30 6.12
N ILE D 14 -21.84 12.40 4.84
CA ILE D 14 -22.38 11.46 3.86
C ILE D 14 -21.99 10.00 4.09
N LEU D 15 -20.72 9.74 4.43
CA LEU D 15 -20.33 8.36 4.69
C LEU D 15 -21.29 7.79 5.73
N HIS D 16 -21.60 8.62 6.73
CA HIS D 16 -22.53 8.22 7.79
C HIS D 16 -23.88 7.89 7.18
N ARG D 17 -24.38 8.79 6.33
CA ARG D 17 -25.66 8.61 5.67
C ARG D 17 -25.67 7.34 4.83
N LEU D 18 -24.59 7.10 4.10
CA LEU D 18 -24.48 5.91 3.26
C LEU D 18 -24.56 4.63 4.07
N LEU D 19 -23.93 4.62 5.25
CA LEU D 19 -23.96 3.46 6.14
C LEU D 19 -25.34 3.32 6.76
N GLN D 20 -25.90 4.46 7.17
CA GLN D 20 -27.22 4.52 7.79
C GLN D 20 -28.35 3.98 6.91
N GLU D 21 -28.52 4.61 5.76
CA GLU D 21 -29.60 4.23 4.83
C GLU D 21 -29.08 3.61 3.54
N GLY D 22 -28.30 4.39 2.79
CA GLY D 22 -27.77 3.93 1.52
C GLY D 22 -27.87 5.03 0.50
N SER D 23 -28.42 4.73 -0.66
CA SER D 23 -28.58 5.74 -1.71
C SER D 23 -29.88 5.55 -2.49
N PRO D 24 -30.48 6.67 -2.95
CA PRO D 24 -31.73 6.66 -3.71
C PRO D 24 -31.61 5.90 -5.04
N SER D 25 -32.63 6.04 -5.89
CA SER D 25 -32.63 5.37 -7.19
C SER D 25 -31.90 6.19 -8.25
C1 9CR E . 11.12 11.76 10.18
C2 9CR E . 10.15 12.58 11.16
C3 9CR E . 10.08 12.11 12.68
C4 9CR E . 9.90 10.56 12.80
C5 9CR E . 10.90 9.71 11.95
C6 9CR E . 11.51 10.22 10.69
C7 9CR E . 12.43 9.51 9.82
C8 9CR E . 13.15 8.37 9.91
C9 9CR E . 13.86 7.61 8.96
C10 9CR E . 14.70 6.56 9.41
C11 9CR E . 14.94 6.34 10.75
C12 9CR E . 15.84 5.40 11.19
C13 9CR E . 16.22 5.19 12.53
C14 9CR E . 17.16 4.19 12.71
C15 9CR E . 17.85 3.69 13.98
C16 9CR E . 12.53 12.55 10.33
C17 9CR E . 10.70 11.95 8.73
C18 9CR E . 11.14 8.33 12.56
C19 9CR E . 13.78 7.82 7.44
C20 9CR E . 15.68 6.04 13.74
O1 9CR E . 18.13 2.50 14.08
O2 9CR E . 18.12 4.50 14.90
N 570 F . -10.32 10.07 -8.88
CA 570 F . -10.85 9.08 -7.88
CB 570 F . -10.31 7.63 -8.11
CG 570 F . -10.61 7.06 -9.50
CD1 570 F . -9.57 7.10 -10.50
CD2 570 F . -11.89 6.49 -9.82
CE1 570 F . -9.80 6.59 -11.78
CE2 570 F . -12.13 5.98 -11.12
CZ 570 F . -11.07 6.02 -12.13
OH 570 F . -11.18 5.53 -13.47
C1A 570 F . -10.70 11.44 -9.23
C1F 570 F . -10.11 12.13 -10.38
C1E 570 F . -10.55 13.47 -10.64
C1D 570 F . -11.51 14.12 -9.82
C1C 570 F . -12.06 13.45 -8.71
C1B 570 F . -11.67 12.14 -8.41
C1H 570 F . -8.31 12.17 -12.55
C1I 570 F . -8.09 11.42 -13.77
C1J 570 F . -7.40 12.01 -14.87
C1K 570 F . -6.96 13.36 -14.78
C1L 570 F . -7.17 14.11 -13.59
C1M 570 F . -7.85 13.53 -12.49
C1G 570 F . -9.04 11.52 -11.39
O1G 570 F . -8.78 10.31 -11.27
O3F 570 F . -11.91 8.05 -17.54
C3G 570 F . -13.29 7.95 -17.50
N3H 570 F . -13.57 6.80 -16.74
C3C 570 F . -12.35 6.25 -16.38
C3D 570 F . -11.25 7.02 -16.88
C3E 570 F . -9.74 6.79 -16.74
C3I 570 F . -14.23 8.82 -18.07
C3N 570 F . -15.66 8.59 -17.95
C3M 570 F . -16.57 9.48 -18.56
C3L 570 F . -16.09 10.60 -19.28
C3K 570 F . -14.69 10.85 -19.41
C3J 570 F . -13.77 9.96 -18.81
C3A 570 F . -12.46 5.17 -14.03
C3B 570 F . -12.28 4.93 -15.53
O2 570 F . -11.53 9.44 -5.65
O1 570 F . -9.44 10.01 -6.18
C 570 F . -10.58 9.53 -6.47
#